data_6ECC
#
_entry.id   6ECC
#
_cell.length_a   152.202
_cell.length_b   152.202
_cell.length_c   152.202
_cell.angle_alpha   90.000
_cell.angle_beta   90.000
_cell.angle_gamma   90.000
#
_symmetry.space_group_name_H-M   'P 4 3 2'
#
loop_
_entity.id
_entity.type
_entity.pdbx_description
1 polymer Vlm2
2 water water
#
_entity_poly.entity_id   1
_entity_poly.type   'polypeptide(L)'
_entity_poly.pdbx_seq_one_letter_code
;MHHHHHHHHENLYFQGGSSTAGDPTAKLVRLNPRGGDGPGIVFAPPAGGTVLGYIELARHLKGFGEIHGVEAPGLGAGET
PVYPSFEEMVQFCSDSAAGVAGDGVYIGGHSLGGHIAFYLATMLLDRGIRPKGLIILDTPPRLGDIPVADADLTEEETKV
FILAMGIGGMLDQDRDALKDLPYEEAKQLLLDRAKNDPRVSAFLSEDYLDRFLRLQMHQLMYSRDVVLPQRKLDIPIHVF
RTKNHAPEVARLFSAWENYAAGEVTFVDIPGDHATMLRAPHVSEVAQLLDRHCGLPSDDGPRG
;
_entity_poly.pdbx_strand_id   A
#
# COMPACT_ATOMS: atom_id res chain seq x y z
N ASP A 23 -0.58 -18.52 -15.08
CA ASP A 23 -0.40 -19.52 -14.03
C ASP A 23 -0.35 -18.96 -12.57
N PRO A 24 0.59 -18.05 -12.28
CA PRO A 24 0.69 -17.47 -10.93
C PRO A 24 -0.32 -16.37 -10.72
N THR A 25 -0.73 -16.19 -9.46
CA THR A 25 -1.64 -15.10 -9.13
C THR A 25 -1.25 -14.50 -7.78
N ALA A 26 -1.57 -13.23 -7.64
CA ALA A 26 -1.47 -12.56 -6.36
C ALA A 26 -2.62 -13.04 -5.49
N LYS A 27 -2.51 -12.79 -4.18
CA LYS A 27 -3.48 -13.33 -3.24
C LYS A 27 -4.09 -12.16 -2.48
N LEU A 28 -5.43 -12.11 -2.40
CA LEU A 28 -6.11 -11.06 -1.64
C LEU A 28 -6.27 -11.56 -0.22
N VAL A 29 -5.70 -10.85 0.75
CA VAL A 29 -5.60 -11.28 2.15
C VAL A 29 -6.41 -10.31 3.01
N ARG A 30 -7.29 -10.82 3.86
CA ARG A 30 -8.07 -9.94 4.73
C ARG A 30 -7.21 -9.50 5.90
N LEU A 31 -7.16 -8.20 6.19
CA LEU A 31 -6.25 -7.71 7.24
C LEU A 31 -6.93 -7.34 8.54
N ASN A 32 -8.22 -7.25 8.57
CA ASN A 32 -8.90 -6.86 9.78
C ASN A 32 -10.08 -7.77 10.07
N PRO A 33 -10.67 -7.71 11.27
CA PRO A 33 -11.82 -8.58 11.59
C PRO A 33 -13.06 -8.25 10.77
N ARG A 34 -13.84 -9.27 10.47
CA ARG A 34 -15.05 -9.11 9.66
C ARG A 34 -16.13 -8.32 10.42
N GLY A 35 -17.05 -7.70 9.64
CA GLY A 35 -18.27 -7.14 10.20
C GLY A 35 -18.34 -5.63 10.39
N GLY A 36 -17.30 -4.86 9.99
CA GLY A 36 -17.33 -3.42 10.19
C GLY A 36 -18.20 -2.70 9.16
N ASP A 37 -18.61 -1.48 9.51
CA ASP A 37 -19.22 -0.56 8.58
C ASP A 37 -18.15 0.40 8.03
N GLY A 38 -18.45 0.99 6.88
CA GLY A 38 -17.53 1.97 6.34
C GLY A 38 -16.96 1.49 5.02
N PRO A 39 -16.22 2.37 4.36
CA PRO A 39 -15.58 1.99 3.09
C PRO A 39 -14.48 0.97 3.29
N GLY A 40 -14.10 0.32 2.16
CA GLY A 40 -13.01 -0.64 2.20
C GLY A 40 -11.70 -0.02 1.81
N ILE A 41 -10.62 -0.74 2.07
CA ILE A 41 -9.31 -0.38 1.51
C ILE A 41 -8.65 -1.65 1.04
N VAL A 42 -8.05 -1.61 -0.16
CA VAL A 42 -7.12 -2.64 -0.64
C VAL A 42 -5.74 -2.01 -0.67
N PHE A 43 -4.82 -2.54 0.15
CA PHE A 43 -3.43 -2.10 0.15
C PHE A 43 -2.55 -2.92 -0.79
N ALA A 44 -1.76 -2.23 -1.59
CA ALA A 44 -0.75 -2.86 -2.45
C ALA A 44 0.55 -2.99 -1.68
N PRO A 45 1.32 -4.06 -1.89
CA PRO A 45 2.47 -4.32 -1.05
C PRO A 45 3.68 -3.50 -1.46
N PRO A 46 4.53 -3.13 -0.50
CA PRO A 46 5.81 -2.50 -0.83
C PRO A 46 6.82 -3.55 -1.28
N ALA A 47 8.06 -3.12 -1.42
CA ALA A 47 9.11 -4.03 -1.93
C ALA A 47 9.13 -5.27 -1.05
N GLY A 48 9.13 -6.42 -1.68
CA GLY A 48 9.10 -7.70 -0.99
C GLY A 48 7.74 -8.37 -1.07
N GLY A 49 6.68 -7.60 -1.37
CA GLY A 49 5.45 -8.25 -1.78
C GLY A 49 4.50 -8.69 -0.66
N THR A 50 4.83 -8.41 0.59
CA THR A 50 4.01 -8.82 1.72
C THR A 50 3.11 -7.66 2.19
N VAL A 51 2.05 -8.05 2.87
CA VAL A 51 1.09 -7.13 3.48
C VAL A 51 1.36 -6.92 4.97
N LEU A 52 2.41 -7.55 5.52
CA LEU A 52 2.63 -7.55 6.96
C LEU A 52 2.72 -6.16 7.56
N GLY A 53 3.34 -5.26 6.83
CA GLY A 53 3.55 -3.88 7.17
C GLY A 53 2.26 -3.11 7.46
N TYR A 54 1.10 -3.62 7.00
CA TYR A 54 -0.16 -2.89 7.15
C TYR A 54 -1.01 -3.44 8.30
N ILE A 55 -0.58 -4.49 8.97
CA ILE A 55 -1.45 -5.16 9.91
C ILE A 55 -1.77 -4.26 11.10
N GLU A 56 -0.76 -3.57 11.63
CA GLU A 56 -1.02 -2.75 12.82
C GLU A 56 -1.91 -1.59 12.44
N LEU A 57 -1.69 -1.02 11.26
CA LEU A 57 -2.57 0.05 10.80
C LEU A 57 -3.98 -0.46 10.70
N ALA A 58 -4.15 -1.61 10.03
CA ALA A 58 -5.49 -2.10 9.85
C ALA A 58 -6.17 -2.37 11.19
N ARG A 59 -5.40 -2.84 12.17
CA ARG A 59 -6.00 -3.17 13.47
C ARG A 59 -6.53 -1.93 14.16
N HIS A 60 -5.92 -0.78 13.90
CA HIS A 60 -6.32 0.46 14.59
C HIS A 60 -7.39 1.25 13.87
N LEU A 61 -7.67 0.96 12.60
CA LEU A 61 -8.71 1.69 11.88
C LEU A 61 -10.06 1.35 12.47
N LYS A 62 -10.87 2.37 12.65
CA LYS A 62 -12.23 2.21 13.15
C LYS A 62 -13.28 2.65 12.17
N GLY A 63 -12.91 3.37 11.13
CA GLY A 63 -13.92 3.94 10.27
C GLY A 63 -14.06 3.22 8.93
N PHE A 64 -13.54 1.99 8.82
CA PHE A 64 -13.52 1.23 7.58
C PHE A 64 -14.19 -0.11 7.77
N GLY A 65 -14.75 -0.63 6.68
CA GLY A 65 -15.31 -1.97 6.69
C GLY A 65 -14.22 -3.00 6.46
N GLU A 66 -14.09 -3.45 5.24
CA GLU A 66 -13.21 -4.55 4.87
C GLU A 66 -11.86 -3.98 4.47
N ILE A 67 -10.79 -4.45 5.11
CA ILE A 67 -9.43 -4.01 4.76
C ILE A 67 -8.72 -5.23 4.23
N HIS A 68 -8.24 -5.15 3.02
CA HIS A 68 -7.47 -6.21 2.42
C HIS A 68 -6.09 -5.72 2.03
N GLY A 69 -5.17 -6.67 1.85
CA GLY A 69 -3.90 -6.39 1.20
C GLY A 69 -3.71 -7.41 0.10
N VAL A 70 -2.94 -7.04 -0.93
CA VAL A 70 -2.57 -7.97 -1.97
C VAL A 70 -1.17 -8.49 -1.66
N GLU A 71 -1.06 -9.80 -1.62
CA GLU A 71 0.23 -10.46 -1.45
C GLU A 71 0.76 -10.89 -2.82
N ALA A 72 2.04 -10.61 -3.06
CA ALA A 72 2.66 -10.97 -4.34
C ALA A 72 2.54 -12.46 -4.61
N PRO A 73 2.54 -12.87 -5.88
CA PRO A 73 2.63 -14.29 -6.18
C PRO A 73 3.93 -14.87 -5.71
N GLY A 74 3.92 -16.14 -5.43
CA GLY A 74 5.12 -16.89 -5.15
C GLY A 74 5.61 -16.89 -3.74
N LEU A 75 4.89 -16.26 -2.81
CA LEU A 75 5.37 -16.27 -1.44
C LEU A 75 4.83 -17.45 -0.64
N GLY A 76 3.74 -18.06 -1.10
CA GLY A 76 3.19 -19.27 -0.49
C GLY A 76 4.06 -20.49 -0.37
N GLU A 79 5.01 -23.00 -3.57
CA GLU A 79 4.80 -22.34 -4.85
C GLU A 79 6.09 -21.97 -5.56
N THR A 80 5.98 -21.75 -6.82
CA THR A 80 7.14 -21.28 -7.55
C THR A 80 7.38 -19.80 -7.22
N PRO A 81 8.57 -19.40 -6.79
CA PRO A 81 8.83 -17.98 -6.61
C PRO A 81 8.63 -17.24 -7.93
N VAL A 82 8.24 -15.98 -7.81
CA VAL A 82 7.99 -15.13 -8.95
C VAL A 82 8.70 -13.81 -8.73
N TYR A 83 9.43 -13.33 -9.75
CA TYR A 83 10.09 -12.02 -9.72
C TYR A 83 9.52 -11.16 -10.83
N PRO A 84 8.41 -10.50 -10.59
CA PRO A 84 7.72 -9.79 -11.69
C PRO A 84 8.39 -8.45 -11.94
N SER A 85 8.29 -8.00 -13.19
CA SER A 85 8.57 -6.60 -13.51
C SER A 85 7.56 -5.74 -12.77
N PHE A 86 7.83 -4.43 -12.72
CA PHE A 86 6.85 -3.51 -12.10
C PHE A 86 5.49 -3.60 -12.78
N GLU A 87 5.47 -3.59 -14.12
CA GLU A 87 4.20 -3.66 -14.85
C GLU A 87 3.50 -4.99 -14.63
N GLU A 88 4.25 -6.10 -14.54
CA GLU A 88 3.65 -7.40 -14.24
C GLU A 88 3.05 -7.40 -12.85
N MET A 89 3.77 -6.79 -11.90
CA MET A 89 3.25 -6.71 -10.52
C MET A 89 1.95 -5.91 -10.46
N VAL A 90 1.89 -4.80 -11.21
CA VAL A 90 0.68 -4.01 -11.32
C VAL A 90 -0.47 -4.86 -11.85
N GLN A 91 -0.19 -5.66 -12.90
CA GLN A 91 -1.20 -6.52 -13.47
C GLN A 91 -1.68 -7.52 -12.43
N PHE A 92 -0.75 -8.18 -11.75
CA PHE A 92 -1.15 -9.17 -10.74
C PHE A 92 -2.06 -8.53 -9.69
N CYS A 93 -1.67 -7.36 -9.23
CA CYS A 93 -2.37 -6.74 -8.12
C CYS A 93 -3.72 -6.19 -8.56
N SER A 94 -3.79 -5.69 -9.81
CA SER A 94 -5.08 -5.25 -10.32
C SER A 94 -6.06 -6.39 -10.41
N ASP A 95 -5.59 -7.51 -10.94
CA ASP A 95 -6.46 -8.65 -11.08
C ASP A 95 -6.96 -9.12 -9.73
N SER A 96 -6.10 -9.12 -8.73
CA SER A 96 -6.53 -9.53 -7.40
C SER A 96 -7.49 -8.50 -6.77
N ALA A 97 -7.17 -7.22 -6.86
CA ALA A 97 -7.97 -6.19 -6.24
C ALA A 97 -9.33 -6.08 -6.91
N ALA A 98 -9.38 -6.44 -8.19
CA ALA A 98 -10.63 -6.26 -8.95
C ALA A 98 -11.75 -7.09 -8.38
N GLY A 99 -11.45 -8.13 -7.61
CA GLY A 99 -12.52 -8.91 -7.00
C GLY A 99 -13.36 -8.15 -5.98
N VAL A 100 -12.81 -7.10 -5.37
CA VAL A 100 -13.50 -6.37 -4.33
C VAL A 100 -13.58 -4.86 -4.62
N ALA A 101 -12.82 -4.37 -5.57
CA ALA A 101 -12.68 -2.89 -5.72
C ALA A 101 -13.86 -2.33 -6.52
N GLY A 102 -14.08 -1.05 -6.38
CA GLY A 102 -15.20 -0.32 -6.97
C GLY A 102 -15.74 0.68 -5.96
N ASP A 103 -17.03 1.03 -6.16
CA ASP A 103 -17.66 2.02 -5.32
C ASP A 103 -17.43 1.65 -3.85
N GLY A 104 -16.99 2.61 -3.08
CA GLY A 104 -16.84 2.43 -1.65
C GLY A 104 -15.56 1.73 -1.22
N VAL A 105 -14.58 1.59 -2.11
CA VAL A 105 -13.33 0.87 -1.79
C VAL A 105 -12.15 1.71 -2.28
N TYR A 106 -11.25 2.08 -1.37
CA TYR A 106 -10.03 2.76 -1.69
C TYR A 106 -8.96 1.76 -2.10
N ILE A 107 -7.98 2.25 -2.87
CA ILE A 107 -6.71 1.58 -3.06
C ILE A 107 -5.66 2.37 -2.31
N GLY A 108 -4.72 1.70 -1.64
CA GLY A 108 -3.73 2.41 -0.85
C GLY A 108 -2.36 1.75 -0.87
N GLY A 109 -1.35 2.49 -0.45
CA GLY A 109 -0.02 1.88 -0.33
C GLY A 109 0.99 2.79 0.29
N HIS A 110 2.02 2.18 0.90
CA HIS A 110 3.19 2.84 1.47
C HIS A 110 4.42 2.48 0.65
N SER A 111 5.36 3.41 0.51
CA SER A 111 6.62 3.20 -0.24
C SER A 111 6.30 2.69 -1.64
N LEU A 112 6.98 1.63 -2.13
CA LEU A 112 6.71 1.16 -3.49
C LEU A 112 5.24 0.74 -3.61
N GLY A 113 4.62 0.36 -2.50
CA GLY A 113 3.21 0.01 -2.56
C GLY A 113 2.32 1.18 -2.97
N GLY A 114 2.75 2.42 -2.68
CA GLY A 114 2.01 3.59 -3.16
C GLY A 114 2.05 3.72 -4.66
N HIS A 115 3.22 3.47 -5.25
CA HIS A 115 3.31 3.51 -6.71
C HIS A 115 2.51 2.39 -7.36
N ILE A 116 2.64 1.17 -6.82
CA ILE A 116 1.81 0.08 -7.34
C ILE A 116 0.33 0.46 -7.21
N ALA A 117 -0.06 1.03 -6.05
CA ALA A 117 -1.47 1.40 -5.87
C ALA A 117 -1.92 2.41 -6.92
N PHE A 118 -1.07 3.40 -7.22
CA PHE A 118 -1.44 4.40 -8.23
C PHE A 118 -1.68 3.75 -9.58
N TYR A 119 -0.74 2.88 -10.00
CA TYR A 119 -0.87 2.23 -11.29
C TYR A 119 -1.99 1.18 -11.31
N LEU A 120 -2.22 0.50 -10.17
CA LEU A 120 -3.33 -0.44 -10.05
C LEU A 120 -4.65 0.31 -10.21
N ALA A 121 -4.77 1.44 -9.53
CA ALA A 121 -6.02 2.24 -9.68
C ALA A 121 -6.24 2.66 -11.11
N THR A 122 -5.15 3.11 -11.79
CA THR A 122 -5.25 3.48 -13.18
CA THR A 122 -5.31 3.50 -13.18
C THR A 122 -5.78 2.32 -14.02
N MET A 123 -5.26 1.13 -13.76
CA MET A 123 -5.64 -0.05 -14.51
C MET A 123 -7.09 -0.41 -14.23
N LEU A 124 -7.51 -0.33 -12.97
CA LEU A 124 -8.93 -0.60 -12.67
C LEU A 124 -9.83 0.38 -13.43
N LEU A 125 -9.51 1.68 -13.40
CA LEU A 125 -10.34 2.61 -14.16
C LEU A 125 -10.42 2.22 -15.63
N ASP A 126 -9.27 1.88 -16.23
CA ASP A 126 -9.25 1.46 -17.63
C ASP A 126 -10.15 0.25 -17.93
N ARG A 127 -10.39 -0.60 -16.93
CA ARG A 127 -11.24 -1.75 -17.05
C ARG A 127 -12.69 -1.48 -16.62
N GLY A 128 -13.04 -0.22 -16.32
CA GLY A 128 -14.41 0.06 -15.91
C GLY A 128 -14.72 -0.22 -14.46
N ILE A 129 -13.73 -0.13 -13.60
CA ILE A 129 -13.93 -0.25 -12.16
C ILE A 129 -13.42 1.01 -11.51
N ARG A 130 -14.24 1.65 -10.68
CA ARG A 130 -13.85 2.96 -10.15
C ARG A 130 -13.71 2.91 -8.62
N PRO A 131 -12.48 2.80 -8.10
CA PRO A 131 -12.30 2.90 -6.64
C PRO A 131 -12.75 4.27 -6.12
N LYS A 132 -12.99 4.31 -4.80
CA LYS A 132 -13.41 5.53 -4.15
C LYS A 132 -12.30 6.58 -4.19
N GLY A 133 -11.06 6.15 -4.10
CA GLY A 133 -9.93 7.09 -4.00
C GLY A 133 -8.63 6.30 -3.90
N LEU A 134 -7.54 7.05 -3.91
CA LEU A 134 -6.18 6.55 -3.74
C LEU A 134 -5.63 7.15 -2.47
N ILE A 135 -5.17 6.29 -1.56
CA ILE A 135 -4.51 6.68 -0.32
C ILE A 135 -3.01 6.41 -0.42
N ILE A 136 -2.21 7.46 -0.40
CA ILE A 136 -0.75 7.36 -0.46
C ILE A 136 -0.21 7.58 0.96
N LEU A 137 0.56 6.63 1.44
CA LEU A 137 1.17 6.71 2.76
C LEU A 137 2.65 7.11 2.62
N ASP A 138 2.87 8.40 2.80
CA ASP A 138 4.17 9.05 3.04
C ASP A 138 5.22 8.71 1.99
N THR A 139 4.84 8.76 0.70
CA THR A 139 5.81 8.62 -0.35
C THR A 139 5.52 9.65 -1.43
N PRO A 140 6.53 10.33 -1.97
CA PRO A 140 6.30 11.20 -3.12
C PRO A 140 6.27 10.38 -4.39
N PRO A 141 5.84 10.98 -5.47
CA PRO A 141 5.87 10.29 -6.74
C PRO A 141 7.26 9.89 -7.17
N ARG A 142 8.28 10.67 -6.87
CA ARG A 142 9.67 10.29 -7.15
C ARG A 142 10.11 9.37 -6.03
N LEU A 143 9.97 8.05 -6.25
CA LEU A 143 10.23 7.07 -5.17
C LEU A 143 11.69 7.05 -4.81
N GLY A 144 12.53 7.25 -5.82
CA GLY A 144 13.94 7.03 -5.71
C GLY A 144 14.64 8.06 -4.89
N ASP A 145 13.92 9.06 -4.42
CA ASP A 145 14.52 10.08 -3.56
C ASP A 145 14.26 9.85 -2.06
N ILE A 146 13.67 8.72 -1.67
CA ILE A 146 13.63 8.34 -0.25
C ILE A 146 14.99 7.75 0.15
N PRO A 147 15.65 8.25 1.21
CA PRO A 147 16.98 7.74 1.59
C PRO A 147 16.98 6.30 2.10
N GLN A 188 15.11 -12.11 11.47
CA GLN A 188 14.78 -12.60 12.82
C GLN A 188 13.70 -11.72 13.40
N LEU A 189 13.70 -10.46 12.94
CA LEU A 189 12.80 -9.44 13.45
C LEU A 189 11.35 -9.90 13.34
N LEU A 190 10.96 -10.35 12.16
CA LEU A 190 9.57 -10.75 11.92
C LEU A 190 9.27 -12.15 12.44
N LEU A 191 10.27 -13.03 12.58
CA LEU A 191 10.03 -14.30 13.25
C LEU A 191 9.60 -14.07 14.70
N ASP A 192 10.36 -13.21 15.40
CA ASP A 192 10.00 -12.84 16.76
C ASP A 192 8.64 -12.15 16.79
N ARG A 193 8.42 -11.19 15.89
CA ARG A 193 7.12 -10.54 15.79
C ARG A 193 5.99 -11.57 15.72
N ALA A 194 6.22 -12.68 15.00
CA ALA A 194 5.20 -13.72 14.85
C ALA A 194 4.86 -14.39 16.17
N LYS A 195 5.84 -14.51 17.07
CA LYS A 195 5.54 -15.04 18.40
C LYS A 195 4.55 -14.15 19.17
N ASN A 196 4.55 -12.84 18.90
CA ASN A 196 3.72 -11.88 19.63
C ASN A 196 2.37 -11.63 18.99
N ASP A 197 2.15 -12.12 17.77
CA ASP A 197 1.14 -11.53 16.89
C ASP A 197 0.64 -12.61 15.96
N PRO A 198 -0.41 -13.35 16.36
CA PRO A 198 -0.89 -14.46 15.51
C PRO A 198 -1.36 -13.99 14.15
N ARG A 199 -1.69 -12.71 14.02
CA ARG A 199 -2.04 -12.17 12.71
C ARG A 199 -0.82 -12.15 11.80
N VAL A 200 0.35 -11.76 12.35
CA VAL A 200 1.63 -11.89 11.63
C VAL A 200 2.03 -13.37 11.51
N SER A 201 1.85 -14.15 12.58
CA SER A 201 2.20 -15.57 12.52
C SER A 201 1.43 -16.29 11.43
N ALA A 202 0.20 -15.84 11.13
CA ALA A 202 -0.62 -16.44 10.09
C ALA A 202 0.11 -16.49 8.74
N PHE A 203 0.93 -15.48 8.41
CA PHE A 203 1.82 -15.57 7.24
C PHE A 203 3.17 -16.22 7.59
N LEU A 204 3.91 -15.62 8.52
CA LEU A 204 5.37 -15.79 8.54
C LEU A 204 5.74 -17.25 8.74
N SER A 205 6.73 -17.70 7.96
CA SER A 205 7.48 -18.93 8.19
C SER A 205 8.93 -18.64 7.79
N GLU A 206 9.87 -19.49 8.22
CA GLU A 206 11.26 -19.33 7.77
C GLU A 206 11.34 -19.24 6.25
N ASP A 207 10.54 -20.09 5.58
CA ASP A 207 10.49 -20.13 4.12
C ASP A 207 9.87 -18.86 3.51
N TYR A 208 8.75 -18.40 4.06
CA TYR A 208 8.09 -17.19 3.57
C TYR A 208 9.02 -16.00 3.68
N LEU A 209 9.78 -15.95 4.77
CA LEU A 209 10.69 -14.83 4.98
C LEU A 209 11.84 -14.83 3.99
N ASP A 210 12.41 -16.02 3.69
CA ASP A 210 13.45 -16.06 2.68
C ASP A 210 12.91 -15.59 1.33
N ARG A 211 11.68 -15.99 0.99
CA ARG A 211 11.10 -15.59 -0.30
C ARG A 211 10.84 -14.10 -0.33
N PHE A 212 10.36 -13.57 0.77
CA PHE A 212 10.15 -12.13 0.89
C PHE A 212 11.43 -11.38 0.72
N LEU A 213 12.51 -11.83 1.32
CA LEU A 213 13.73 -11.07 1.21
C LEU A 213 14.26 -11.10 -0.22
N ARG A 214 14.19 -12.25 -0.89
CA ARG A 214 14.63 -12.32 -2.28
C ARG A 214 13.78 -11.41 -3.18
N LEU A 215 12.46 -11.47 -3.01
CA LEU A 215 11.60 -10.59 -3.80
C LEU A 215 11.88 -9.13 -3.48
N GLN A 216 12.20 -8.81 -2.20
CA GLN A 216 12.50 -7.43 -1.87
C GLN A 216 13.72 -6.94 -2.61
N MET A 217 14.79 -7.74 -2.62
CA MET A 217 15.99 -7.29 -3.33
C MET A 217 15.71 -7.06 -4.82
N HIS A 218 14.90 -7.92 -5.41
CA HIS A 218 14.51 -7.73 -6.80
C HIS A 218 13.72 -6.43 -7.01
N GLN A 219 12.72 -6.18 -6.16
CA GLN A 219 11.87 -5.02 -6.36
C GLN A 219 12.61 -3.73 -6.00
N LEU A 220 13.55 -3.81 -5.08
CA LEU A 220 14.37 -2.63 -4.83
C LEU A 220 15.21 -2.25 -6.00
N MET A 221 15.37 -3.11 -7.00
CA MET A 221 16.06 -2.71 -8.20
C MET A 221 15.15 -2.16 -9.30
N TYR A 222 13.87 -1.99 -9.06
CA TYR A 222 12.99 -1.36 -10.05
C TYR A 222 13.50 0.07 -10.34
N SER A 223 13.43 0.49 -11.58
CA SER A 223 13.90 1.83 -11.96
C SER A 223 12.96 2.93 -11.49
N ARG A 224 13.54 4.00 -10.96
CA ARG A 224 12.77 5.16 -10.53
C ARG A 224 11.95 5.71 -11.69
N ASP A 225 12.48 5.58 -12.88
CA ASP A 225 11.83 6.16 -14.04
C ASP A 225 10.60 5.36 -14.44
N VAL A 226 10.62 4.05 -14.14
CA VAL A 226 9.51 3.16 -14.46
C VAL A 226 8.36 3.30 -13.47
N VAL A 227 8.68 3.44 -12.18
CA VAL A 227 7.61 3.55 -11.22
C VAL A 227 6.99 4.96 -11.11
N LEU A 228 7.69 5.99 -11.61
CA LEU A 228 7.10 7.35 -11.61
C LEU A 228 5.72 7.34 -12.26
N PRO A 229 4.70 7.94 -11.63
CA PRO A 229 3.46 8.15 -12.32
C PRO A 229 3.69 8.95 -13.60
N GLN A 230 2.82 8.72 -14.55
CA GLN A 230 2.74 9.53 -15.77
C GLN A 230 1.38 10.18 -15.99
N ARG A 231 0.30 9.42 -15.89
CA ARG A 231 -1.02 9.87 -16.28
C ARG A 231 -1.72 10.50 -15.08
N LYS A 232 -2.74 11.29 -15.36
CA LYS A 232 -3.56 11.82 -14.27
C LYS A 232 -4.65 10.83 -13.89
N LEU A 233 -4.82 10.64 -12.60
CA LEU A 233 -5.79 9.66 -12.06
C LEU A 233 -7.07 10.41 -11.80
N ASP A 234 -8.19 9.82 -12.28
CA ASP A 234 -9.44 10.48 -12.23
C ASP A 234 -10.26 10.18 -10.96
N ILE A 235 -9.65 9.74 -9.86
CA ILE A 235 -10.33 9.65 -8.59
C ILE A 235 -9.55 10.49 -7.59
N PRO A 236 -10.12 10.83 -6.43
CA PRO A 236 -9.39 11.71 -5.50
C PRO A 236 -8.22 10.99 -4.90
N ILE A 237 -7.17 11.76 -4.63
CA ILE A 237 -5.96 11.25 -3.99
C ILE A 237 -5.83 11.87 -2.61
N HIS A 238 -5.52 11.05 -1.59
CA HIS A 238 -5.23 11.53 -0.24
C HIS A 238 -3.82 11.12 0.10
N VAL A 239 -2.97 12.11 0.42
CA VAL A 239 -1.57 11.89 0.69
C VAL A 239 -1.36 12.16 2.19
N PHE A 240 -0.91 11.16 2.91
CA PHE A 240 -0.65 11.29 4.33
C PHE A 240 0.87 11.35 4.47
N ARG A 241 1.38 12.48 4.93
CA ARG A 241 2.83 12.64 4.91
C ARG A 241 3.40 13.00 6.29
N THR A 242 4.51 12.34 6.60
CA THR A 242 5.22 12.66 7.85
C THR A 242 6.00 13.97 7.66
N LYS A 243 6.54 14.49 8.78
CA LYS A 243 7.05 15.85 8.77
C LYS A 243 8.53 15.94 9.15
N ASN A 244 9.26 14.85 9.09
CA ASN A 244 10.68 14.83 9.43
C ASN A 244 11.52 14.40 8.25
N HIS A 245 11.05 14.63 7.00
CA HIS A 245 11.88 14.31 5.88
C HIS A 245 12.95 15.41 5.71
N ALA A 246 14.07 15.03 5.11
CA ALA A 246 15.00 16.04 4.60
C ALA A 246 14.28 17.01 3.66
N PRO A 247 14.66 18.28 3.61
CA PRO A 247 13.94 19.24 2.75
C PRO A 247 13.92 18.84 1.31
N GLU A 248 14.94 18.11 0.84
CA GLU A 248 15.01 17.74 -0.56
C GLU A 248 14.04 16.65 -0.88
N VAL A 249 13.56 15.95 0.16
CA VAL A 249 12.48 15.00 -0.02
C VAL A 249 11.14 15.66 0.25
N ALA A 250 11.06 16.45 1.32
CA ALA A 250 9.80 17.12 1.68
C ALA A 250 9.20 17.89 0.51
N ARG A 251 10.08 18.52 -0.29
CA ARG A 251 9.66 19.34 -1.41
C ARG A 251 9.08 18.55 -2.55
N LEU A 252 9.15 17.24 -2.53
CA LEU A 252 8.68 16.42 -3.64
C LEU A 252 7.26 15.91 -3.47
N PHE A 253 6.66 16.06 -2.28
CA PHE A 253 5.30 15.53 -2.11
C PHE A 253 4.25 16.27 -2.91
N SER A 254 4.40 17.59 -3.14
CA SER A 254 3.34 18.32 -3.81
C SER A 254 3.15 17.86 -5.22
N ALA A 255 4.17 17.19 -5.78
CA ALA A 255 4.04 16.70 -7.17
C ALA A 255 2.94 15.63 -7.32
N TRP A 256 2.33 15.12 -6.23
CA TRP A 256 1.14 14.29 -6.44
C TRP A 256 0.07 15.02 -7.20
N GLU A 257 0.03 16.36 -7.10
CA GLU A 257 -0.95 17.14 -7.85
C GLU A 257 -0.77 16.99 -9.34
N ASN A 258 0.45 16.70 -9.78
CA ASN A 258 0.70 16.52 -11.21
C ASN A 258 -0.15 15.37 -11.76
N TYR A 259 -0.50 14.42 -10.89
CA TYR A 259 -1.05 13.13 -11.29
C TYR A 259 -2.51 13.00 -10.87
N ALA A 260 -3.12 14.11 -10.50
CA ALA A 260 -4.49 14.12 -9.98
C ALA A 260 -5.37 14.89 -10.97
N ALA A 261 -6.32 14.19 -11.60
CA ALA A 261 -7.28 14.87 -12.47
C ALA A 261 -8.33 15.57 -11.67
N GLY A 262 -8.52 15.16 -10.42
CA GLY A 262 -9.48 15.75 -9.55
C GLY A 262 -8.85 16.25 -8.28
N GLU A 263 -9.47 15.96 -7.14
CA GLU A 263 -9.01 16.47 -5.87
C GLU A 263 -7.73 15.76 -5.45
N VAL A 264 -6.88 16.49 -4.73
CA VAL A 264 -5.74 15.90 -4.00
C VAL A 264 -5.68 16.60 -2.65
N THR A 265 -5.58 15.85 -1.58
CA THR A 265 -5.59 16.37 -0.23
C THR A 265 -4.32 15.91 0.46
N PHE A 266 -3.63 16.83 1.13
CA PHE A 266 -2.45 16.45 1.90
C PHE A 266 -2.76 16.55 3.39
N VAL A 267 -2.34 15.54 4.14
CA VAL A 267 -2.62 15.46 5.57
C VAL A 267 -1.32 15.13 6.29
N ASP A 268 -0.96 15.94 7.28
CA ASP A 268 0.25 15.68 8.03
C ASP A 268 -0.02 14.60 9.07
N ILE A 269 0.91 13.66 9.18
CA ILE A 269 0.81 12.60 10.19
C ILE A 269 2.06 12.61 11.05
N PRO A 270 1.96 12.05 12.25
CA PRO A 270 3.12 11.91 13.11
C PRO A 270 4.05 10.78 12.70
N GLY A 271 5.21 10.77 13.35
CA GLY A 271 6.21 9.78 13.09
C GLY A 271 7.17 10.16 11.96
N ASP A 272 7.93 9.15 11.55
CA ASP A 272 8.75 9.24 10.35
C ASP A 272 8.41 8.10 9.39
N HIS A 273 9.08 8.03 8.24
CA HIS A 273 8.66 7.11 7.17
C HIS A 273 8.55 5.66 7.64
N ALA A 274 9.41 5.28 8.55
CA ALA A 274 9.31 3.93 9.09
C ALA A 274 8.43 3.86 10.34
N THR A 275 8.54 4.83 11.21
CA THR A 275 7.86 4.60 12.47
C THR A 275 6.35 4.90 12.39
N MET A 276 5.89 5.53 11.30
CA MET A 276 4.47 5.80 11.16
C MET A 276 3.61 4.54 11.16
N LEU A 277 4.17 3.37 10.78
CA LEU A 277 3.38 2.14 10.68
C LEU A 277 3.42 1.28 11.93
N ARG A 278 4.08 1.73 13.00
CA ARG A 278 4.15 1.02 14.26
C ARG A 278 3.70 1.91 15.40
N ALA A 279 3.49 1.30 16.58
CA ALA A 279 3.05 2.07 17.73
C ALA A 279 4.17 3.01 18.17
N PRO A 280 3.84 4.16 18.73
CA PRO A 280 2.49 4.65 19.01
C PRO A 280 1.93 5.46 17.88
N HIS A 281 2.76 5.74 16.87
CA HIS A 281 2.34 6.65 15.80
C HIS A 281 1.23 6.09 14.95
N VAL A 282 1.20 4.78 14.76
CA VAL A 282 0.21 4.21 13.83
C VAL A 282 -1.20 4.44 14.31
N SER A 283 -1.42 4.49 15.63
CA SER A 283 -2.78 4.78 16.06
C SER A 283 -3.22 6.17 15.65
N GLU A 284 -2.32 7.14 15.64
CA GLU A 284 -2.71 8.47 15.19
C GLU A 284 -2.87 8.53 13.67
N VAL A 285 -2.03 7.80 12.94
CA VAL A 285 -2.21 7.66 11.49
C VAL A 285 -3.58 7.10 11.20
N ALA A 286 -3.95 6.06 11.91
CA ALA A 286 -5.27 5.46 11.73
C ALA A 286 -6.37 6.45 12.03
N GLN A 287 -6.27 7.20 13.13
CA GLN A 287 -7.32 8.16 13.45
C GLN A 287 -7.47 9.20 12.34
N LEU A 288 -6.38 9.58 11.71
CA LEU A 288 -6.42 10.56 10.63
C LEU A 288 -6.95 9.96 9.32
N LEU A 289 -6.62 8.72 9.01
CA LEU A 289 -7.30 8.05 7.88
C LEU A 289 -8.80 7.97 8.12
N ASP A 290 -9.17 7.60 9.35
CA ASP A 290 -10.59 7.51 9.68
C ASP A 290 -11.25 8.86 9.46
N ARG A 291 -10.61 9.92 9.94
CA ARG A 291 -11.25 11.21 9.89
C ARG A 291 -11.40 11.68 8.46
N HIS A 292 -10.35 11.53 7.68
CA HIS A 292 -10.33 12.10 6.33
C HIS A 292 -10.94 11.20 5.29
N CYS A 293 -10.86 9.89 5.43
CA CYS A 293 -11.33 8.96 4.41
C CYS A 293 -12.39 7.99 4.84
N GLY A 294 -12.55 7.75 6.14
CA GLY A 294 -13.42 6.72 6.61
C GLY A 294 -14.79 7.29 6.98
N LEU A 295 -15.55 6.48 7.66
CA LEU A 295 -16.93 6.89 7.95
C LEU A 295 -16.91 7.89 9.11
#